data_1QA6
#
_entry.id   1QA6
#
_cell.length_a   150.675
_cell.length_b   150.675
_cell.length_c   63.841
_cell.angle_alpha   90.00
_cell.angle_beta   90.00
_cell.angle_gamma   90.00
#
_symmetry.space_group_name_H-M   'P 43 21 2'
#
loop_
_entity.id
_entity.type
_entity.pdbx_description
1 polymer '58 NUCLEOTIDE RIBOSOMAL RNA DOMAIN'
2 polymer 'RIBOSOMAL PROTEIN L11'
3 non-polymer 'MAGNESIUM ION'
4 non-polymer 'OSMIUM ION'
#
loop_
_entity_poly.entity_id
_entity_poly.type
_entity_poly.pdbx_seq_one_letter_code
_entity_poly.pdbx_strand_id
1 'polyribonucleotide' GCCAGGAUGUAGGCUUAGAAGCAGCCAUCAUUUAAAGAAAGCGUAAUAGCUCACUGGU C,D
2 'polypeptide(L)' KTPPAAVLLKKAAGIESGSGEPNRNKVATIKRDKVREIAELKMPDLNAASIEAAMRMIEGTARSMGI A,B
#
# COMPACT_ATOMS: atom_id res chain seq x y z
N LYS C 1 -14.33 9.34 7.32
CA LYS C 1 -13.29 8.85 8.28
C LYS C 1 -11.97 9.44 7.79
N THR C 2 -10.91 9.16 8.54
CA THR C 2 -9.58 9.61 8.18
C THR C 2 -8.77 8.30 8.19
N PRO C 3 -7.46 8.36 7.94
CA PRO C 3 -6.72 7.10 7.96
C PRO C 3 -6.95 6.35 9.27
N PRO C 4 -7.39 5.10 9.19
CA PRO C 4 -7.65 4.30 10.38
C PRO C 4 -6.48 4.37 11.39
N ALA C 5 -6.78 4.12 12.66
CA ALA C 5 -5.75 4.13 13.70
C ALA C 5 -4.64 3.21 13.24
N ALA C 6 -5.01 2.01 12.76
CA ALA C 6 -4.03 1.05 12.28
C ALA C 6 -3.06 1.69 11.31
N VAL C 7 -3.49 2.13 10.13
CA VAL C 7 -2.53 2.73 9.20
C VAL C 7 -1.77 3.93 9.78
N LEU C 8 -2.47 4.78 10.52
CA LEU C 8 -1.81 5.92 11.13
C LEU C 8 -0.64 5.41 11.97
N LEU C 9 -0.92 4.42 12.82
CA LEU C 9 0.07 3.83 13.70
C LEU C 9 1.17 3.15 12.91
N LYS C 10 0.82 2.58 11.76
CA LYS C 10 1.81 1.89 10.93
C LYS C 10 2.82 2.91 10.44
N LYS C 11 2.30 3.96 9.83
CA LYS C 11 3.08 5.06 9.28
C LYS C 11 3.86 5.78 10.37
N ALA C 12 3.24 5.89 11.53
CA ALA C 12 3.87 6.53 12.67
C ALA C 12 5.01 5.62 13.07
N ALA C 13 4.63 4.44 13.58
CA ALA C 13 5.56 3.41 14.05
C ALA C 13 6.74 3.23 13.13
N GLY C 14 6.48 3.29 11.82
CA GLY C 14 7.52 3.15 10.82
C GLY C 14 7.61 1.72 10.31
N ILE C 15 6.46 1.14 9.97
CA ILE C 15 6.45 -0.24 9.49
C ILE C 15 5.36 -0.44 8.46
N GLU C 16 5.36 -1.65 7.88
CA GLU C 16 4.39 -2.04 6.87
C GLU C 16 3.48 -3.15 7.34
N SER C 17 3.68 -3.61 8.58
CA SER C 17 2.84 -4.69 9.08
C SER C 17 2.60 -4.74 10.59
N GLY C 18 1.62 -5.56 10.98
CA GLY C 18 1.24 -5.72 12.38
C GLY C 18 2.07 -6.70 13.18
N SER C 19 1.52 -7.87 13.57
CA SER C 19 2.27 -8.81 14.39
C SER C 19 1.60 -10.14 14.90
N GLY C 20 2.07 -10.54 16.08
CA GLY C 20 1.59 -11.67 16.85
C GLY C 20 1.67 -11.00 18.23
N GLU C 21 1.47 -9.68 18.22
CA GLU C 21 1.52 -8.73 19.34
C GLU C 21 1.96 -8.96 20.76
N PRO C 22 1.33 -9.91 21.50
CA PRO C 22 1.86 -10.05 22.86
C PRO C 22 3.31 -10.50 22.84
N ASN C 23 3.62 -11.41 21.91
CA ASN C 23 4.95 -11.95 21.81
C ASN C 23 5.99 -11.09 21.11
N ARG C 24 5.80 -10.85 19.83
CA ARG C 24 6.77 -10.10 19.05
C ARG C 24 6.30 -8.69 18.78
N ASN C 25 6.62 -7.74 19.66
CA ASN C 25 6.17 -6.37 19.41
C ASN C 25 6.88 -5.90 18.13
N LYS C 26 6.14 -5.27 17.22
CA LYS C 26 6.70 -4.89 15.96
C LYS C 26 7.54 -3.65 15.86
N VAL C 27 7.48 -2.80 16.87
CA VAL C 27 8.26 -1.56 16.88
C VAL C 27 7.85 -0.64 18.02
N ALA C 28 8.72 0.27 18.43
CA ALA C 28 8.34 1.17 19.52
C ALA C 28 8.16 2.56 18.90
N THR C 29 7.53 3.47 19.63
CA THR C 29 7.35 4.83 19.15
C THR C 29 6.95 5.71 20.33
N ILE C 30 7.20 7.02 20.25
CA ILE C 30 6.88 7.92 21.37
C ILE C 30 5.41 8.33 21.53
N LYS C 31 4.85 8.09 22.69
CA LYS C 31 3.43 8.34 22.93
C LYS C 31 3.14 9.83 22.99
N ARG C 32 3.42 10.48 24.11
CA ARG C 32 3.10 11.89 24.38
C ARG C 32 3.48 12.78 23.21
N ASP C 33 4.26 12.26 22.29
CA ASP C 33 4.60 13.03 21.12
C ASP C 33 3.71 12.48 20.03
N LYS C 34 3.95 11.22 19.66
CA LYS C 34 3.21 10.61 18.57
C LYS C 34 1.79 10.11 18.83
N VAL C 35 1.57 9.31 19.86
CA VAL C 35 0.19 8.85 20.09
C VAL C 35 -0.72 10.06 20.23
N ARG C 36 -0.25 11.11 20.89
CA ARG C 36 -1.09 12.29 21.02
C ARG C 36 -1.39 12.89 19.63
N GLU C 37 -0.36 13.06 18.80
CA GLU C 37 -0.57 13.62 17.46
C GLU C 37 -1.68 12.89 16.73
N ILE C 38 -1.58 11.56 16.68
CA ILE C 38 -2.57 10.75 15.97
C ILE C 38 -3.94 10.99 16.58
N ALA C 39 -3.99 11.04 17.91
CA ALA C 39 -5.23 11.26 18.65
C ALA C 39 -5.84 12.56 18.18
N GLU C 40 -4.99 13.53 17.88
CA GLU C 40 -5.47 14.83 17.43
C GLU C 40 -6.11 14.72 16.06
N LEU C 41 -5.38 14.19 15.09
CA LEU C 41 -5.88 14.05 13.74
C LEU C 41 -7.12 13.17 13.64
N LYS C 42 -7.15 12.10 14.43
CA LYS C 42 -8.26 11.17 14.40
C LYS C 42 -9.50 11.67 15.14
N MET C 43 -9.35 12.74 15.92
CA MET C 43 -10.45 13.28 16.73
C MET C 43 -11.83 13.46 16.07
N PRO C 44 -11.90 14.01 14.84
CA PRO C 44 -13.23 14.18 14.23
C PRO C 44 -13.98 12.87 14.16
N ASP C 45 -13.25 11.77 14.17
CA ASP C 45 -13.90 10.49 14.09
C ASP C 45 -13.97 9.76 15.44
N LEU C 46 -13.37 10.34 16.48
CA LEU C 46 -13.42 9.69 17.81
C LEU C 46 -14.55 10.26 18.65
N ASN C 47 -15.30 9.39 19.31
CA ASN C 47 -16.42 9.80 20.16
C ASN C 47 -15.89 10.17 21.52
N ALA C 48 -14.62 10.56 21.56
CA ALA C 48 -13.94 10.88 22.79
C ALA C 48 -14.34 12.21 23.38
N ALA C 49 -14.08 12.33 24.68
CA ALA C 49 -14.31 13.58 25.39
C ALA C 49 -12.96 14.28 25.29
N SER C 50 -12.08 13.98 26.24
CA SER C 50 -10.77 14.62 26.24
C SER C 50 -9.78 13.93 25.32
N ILE C 51 -8.74 14.68 24.93
CA ILE C 51 -7.68 14.13 24.09
C ILE C 51 -7.12 12.93 24.83
N GLU C 52 -6.98 13.03 26.15
CA GLU C 52 -6.45 11.92 26.94
C GLU C 52 -7.21 10.64 26.68
N ALA C 53 -8.52 10.76 26.40
CA ALA C 53 -9.34 9.59 26.08
C ALA C 53 -9.06 9.20 24.63
N ALA C 54 -9.07 10.21 23.77
CA ALA C 54 -8.80 9.99 22.36
C ALA C 54 -7.57 9.10 22.27
N MET C 55 -6.58 9.40 23.10
CA MET C 55 -5.32 8.65 23.16
C MET C 55 -5.52 7.20 23.57
N ARG C 56 -6.05 7.00 24.78
CA ARG C 56 -6.29 5.66 25.31
C ARG C 56 -6.77 4.71 24.21
N MET C 57 -7.67 5.18 23.34
CA MET C 57 -8.18 4.37 22.22
C MET C 57 -7.05 4.08 21.21
N ILE C 58 -6.37 5.12 20.75
CA ILE C 58 -5.27 4.95 19.78
C ILE C 58 -4.24 4.00 20.36
N GLU C 59 -3.77 4.30 21.56
CA GLU C 59 -2.79 3.43 22.18
C GLU C 59 -3.36 2.03 22.21
N GLY C 60 -4.67 1.93 22.40
CA GLY C 60 -5.35 0.64 22.45
C GLY C 60 -5.33 -0.13 21.13
N THR C 61 -5.22 0.58 20.01
CA THR C 61 -5.18 -0.08 18.72
C THR C 61 -3.75 -0.49 18.46
N ALA C 62 -2.82 0.27 19.04
CA ALA C 62 -1.43 -0.05 18.88
C ALA C 62 -1.14 -1.35 19.59
N ARG C 63 -1.84 -1.63 20.69
CA ARG C 63 -1.59 -2.90 21.36
C ARG C 63 -2.02 -4.07 20.48
N SER C 64 -3.24 -4.00 19.94
CA SER C 64 -3.78 -5.04 19.08
C SER C 64 -2.81 -5.43 17.99
N MET C 65 -1.97 -4.50 17.58
CA MET C 65 -1.03 -4.80 16.53
C MET C 65 0.39 -4.92 17.09
N GLY C 66 0.55 -4.59 18.37
CA GLY C 66 1.85 -4.71 18.99
C GLY C 66 2.82 -3.61 18.60
N ILE C 67 2.75 -2.51 19.31
CA ILE C 67 3.62 -1.38 19.09
C ILE C 67 3.69 -0.66 20.45
N LYS D 1 13.07 -15.77 -22.36
CA LYS D 1 12.11 -14.78 -21.85
C LYS D 1 11.73 -13.90 -23.05
N THR D 2 10.82 -12.97 -22.81
CA THR D 2 10.39 -12.02 -23.83
C THR D 2 10.62 -10.67 -23.15
N PRO D 3 10.28 -9.56 -23.83
CA PRO D 3 10.51 -8.28 -23.15
C PRO D 3 9.84 -8.27 -21.77
N PRO D 4 10.61 -7.98 -20.72
CA PRO D 4 10.08 -7.93 -19.37
C PRO D 4 8.76 -7.12 -19.29
N ALA D 5 7.94 -7.42 -18.29
CA ALA D 5 6.69 -6.71 -18.09
C ALA D 5 7.02 -5.22 -18.08
N ALA D 6 8.05 -4.84 -17.31
CA ALA D 6 8.48 -3.45 -17.22
C ALA D 6 8.61 -2.83 -18.61
N VAL D 7 9.56 -3.27 -19.43
CA VAL D 7 9.69 -2.64 -20.75
C VAL D 7 8.41 -2.72 -21.59
N LEU D 8 7.72 -3.84 -21.55
CA LEU D 8 6.47 -3.96 -22.31
C LEU D 8 5.54 -2.83 -21.89
N LEU D 9 5.38 -2.67 -20.58
CA LEU D 9 4.52 -1.65 -20.02
C LEU D 9 5.02 -0.25 -20.36
N LYS D 10 6.34 -0.09 -20.44
CA LYS D 10 6.92 1.21 -20.76
C LYS D 10 6.49 1.61 -22.17
N LYS D 11 6.75 0.70 -23.10
CA LYS D 11 6.43 0.86 -24.51
C LYS D 11 4.93 1.00 -24.72
N ALA D 12 4.18 0.24 -23.92
CA ALA D 12 2.74 0.29 -23.98
C ALA D 12 2.34 1.68 -23.50
N ALA D 13 2.57 1.90 -22.21
CA ALA D 13 2.25 3.15 -21.52
C ALA D 13 2.62 4.37 -22.34
N GLY D 14 3.77 4.29 -23.02
CA GLY D 14 4.23 5.38 -23.85
C GLY D 14 5.22 6.27 -23.12
N ILE D 15 6.20 5.65 -22.46
CA ILE D 15 7.17 6.42 -21.70
C ILE D 15 8.53 5.77 -21.73
N GLU D 16 9.51 6.46 -21.15
CA GLU D 16 10.88 5.99 -21.07
C GLU D 16 11.32 5.74 -19.64
N SER D 17 10.42 5.98 -18.69
CA SER D 17 10.80 5.77 -17.29
C SER D 17 9.68 5.38 -16.32
N GLY D 18 10.09 4.94 -15.13
CA GLY D 18 9.17 4.51 -14.09
C GLY D 18 8.60 5.60 -13.22
N SER D 19 8.99 5.69 -11.93
CA SER D 19 8.42 6.71 -11.05
C SER D 19 8.83 6.77 -9.53
N GLY D 20 7.85 7.21 -8.74
CA GLY D 20 7.89 7.29 -7.30
C GLY D 20 6.44 6.82 -7.06
N GLU D 21 5.97 5.97 -7.98
CA GLU D 21 4.63 5.36 -8.07
C GLU D 21 3.40 5.66 -7.25
N PRO D 22 3.44 5.53 -5.91
CA PRO D 22 2.18 5.85 -5.24
C PRO D 22 1.83 7.31 -5.45
N ASN D 23 2.84 8.16 -5.41
CA ASN D 23 2.63 9.59 -5.54
C ASN D 23 2.42 10.11 -6.96
N ARG D 24 3.45 10.00 -7.79
CA ARG D 24 3.39 10.53 -9.15
C ARG D 24 3.20 9.44 -10.17
N ASN D 25 1.96 9.09 -10.50
CA ASN D 25 1.75 8.04 -11.49
C ASN D 25 2.33 8.56 -12.81
N LYS D 26 3.09 7.73 -13.51
CA LYS D 26 3.74 8.19 -14.71
C LYS D 26 2.97 8.25 -16.00
N VAL D 27 1.81 7.63 -16.04
CA VAL D 27 0.98 7.63 -17.25
C VAL D 27 -0.19 6.66 -17.13
N ALA D 28 -1.25 6.85 -17.91
CA ALA D 28 -2.36 5.92 -17.82
C ALA D 28 -2.37 5.13 -19.13
N THR D 29 -3.11 4.02 -19.16
CA THR D 29 -3.22 3.22 -20.38
C THR D 29 -4.39 2.27 -20.22
N ILE D 30 -4.98 1.81 -21.33
CA ILE D 30 -6.15 0.92 -21.27
C ILE D 30 -5.87 -0.55 -20.93
N LYS D 31 -6.50 -1.07 -19.88
CA LYS D 31 -6.24 -2.43 -19.42
C LYS D 31 -6.80 -3.45 -20.38
N ARG D 32 -8.11 -3.71 -20.36
CA ARG D 32 -8.78 -4.75 -21.12
C ARG D 32 -8.36 -4.74 -22.58
N ASP D 33 -7.69 -3.69 -23.00
CA ASP D 33 -7.20 -3.63 -24.35
C ASP D 33 -5.72 -3.95 -24.22
N LYS D 34 -4.99 -3.04 -23.58
CA LYS D 34 -3.55 -3.20 -23.46
C LYS D 34 -3.00 -4.17 -22.43
N VAL D 35 -3.41 -4.07 -21.17
CA VAL D 35 -2.86 -5.03 -20.20
C VAL D 35 -3.13 -6.45 -20.68
N ARG D 36 -4.29 -6.69 -21.27
CA ARG D 36 -4.57 -8.03 -21.76
C ARG D 36 -3.57 -8.40 -22.87
N GLU D 37 -3.36 -7.52 -23.84
CA GLU D 37 -2.43 -7.80 -24.93
C GLU D 37 -1.08 -8.25 -24.39
N ILE D 38 -0.53 -7.47 -23.47
CA ILE D 38 0.78 -7.79 -22.89
C ILE D 38 0.73 -9.15 -22.22
N ALA D 39 -0.37 -9.39 -21.50
CA ALA D 39 -0.56 -10.66 -20.81
C ALA D 39 -0.50 -11.78 -21.80
N GLU D 40 -0.99 -11.54 -23.00
CA GLU D 40 -0.98 -12.55 -24.05
C GLU D 40 0.43 -12.85 -24.50
N LEU D 41 1.16 -11.81 -24.91
CA LEU D 41 2.53 -11.98 -25.38
C LEU D 41 3.47 -12.55 -24.32
N LYS D 42 3.28 -12.13 -23.08
CA LYS D 42 4.14 -12.58 -21.99
C LYS D 42 3.80 -13.99 -21.49
N MET D 43 2.66 -14.52 -21.90
CA MET D 43 2.20 -15.84 -21.46
C MET D 43 3.21 -17.02 -21.45
N PRO D 44 4.01 -17.18 -22.51
CA PRO D 44 4.96 -18.31 -22.49
C PRO D 44 5.86 -18.25 -21.29
N ASP D 45 6.03 -17.07 -20.74
CA ASP D 45 6.89 -16.93 -19.58
C ASP D 45 6.12 -16.80 -18.26
N LEU D 46 4.80 -16.74 -18.32
CA LEU D 46 4.00 -16.61 -17.09
C LEU D 46 3.52 -17.98 -16.62
N ASN D 47 3.65 -18.26 -15.33
CA ASN D 47 3.21 -19.53 -14.75
C ASN D 47 1.74 -19.45 -14.45
N ALA D 48 1.05 -18.60 -15.19
CA ALA D 48 -0.37 -18.36 -14.98
C ALA D 48 -1.25 -19.46 -15.50
N ALA D 49 -2.46 -19.49 -14.96
CA ALA D 49 -3.48 -20.44 -15.40
C ALA D 49 -4.22 -19.65 -16.46
N SER D 50 -5.23 -18.88 -16.04
CA SER D 50 -6.01 -18.11 -16.99
C SER D 50 -5.36 -16.78 -17.37
N ILE D 51 -5.76 -16.25 -18.53
CA ILE D 51 -5.27 -14.96 -18.98
C ILE D 51 -5.57 -13.97 -17.87
N GLU D 52 -6.76 -14.08 -17.26
CA GLU D 52 -7.14 -13.16 -16.19
C GLU D 52 -6.09 -13.10 -15.11
N ALA D 53 -5.40 -14.22 -14.88
CA ALA D 53 -4.32 -14.26 -13.88
C ALA D 53 -3.08 -13.62 -14.51
N ALA D 54 -2.79 -14.04 -15.73
CA ALA D 54 -1.66 -13.51 -16.46
C ALA D 54 -1.69 -11.99 -16.29
N MET D 55 -2.89 -11.42 -16.43
CA MET D 55 -3.11 -9.98 -16.31
C MET D 55 -2.76 -9.46 -14.92
N ARG D 56 -3.46 -9.96 -13.90
CA ARG D 56 -3.23 -9.55 -12.52
C ARG D 56 -1.75 -9.29 -12.25
N MET D 57 -0.89 -10.19 -12.76
CA MET D 57 0.58 -10.03 -12.61
C MET D 57 1.07 -8.79 -13.36
N ILE D 58 0.76 -8.70 -14.66
CA ILE D 58 1.18 -7.56 -15.45
C ILE D 58 0.70 -6.27 -14.82
N GLU D 59 -0.58 -6.18 -14.53
CA GLU D 59 -1.12 -5.00 -13.91
C GLU D 59 -0.33 -4.75 -12.63
N GLY D 60 0.08 -5.84 -11.98
CA GLY D 60 0.85 -5.74 -10.74
C GLY D 60 2.23 -5.13 -10.92
N THR D 61 2.82 -5.27 -12.10
CA THR D 61 4.14 -4.70 -12.35
C THR D 61 3.96 -3.26 -12.74
N ALA D 62 2.80 -2.96 -13.31
CA ALA D 62 2.50 -1.59 -13.68
C ALA D 62 2.37 -0.77 -12.42
N ARG D 63 1.87 -1.36 -11.33
CA ARG D 63 1.75 -0.57 -10.11
C ARG D 63 3.14 -0.21 -9.58
N SER D 64 4.03 -1.20 -9.49
CA SER D 64 5.37 -0.99 -8.99
C SER D 64 6.05 0.18 -9.67
N MET D 65 5.66 0.45 -10.90
CA MET D 65 6.28 1.56 -11.61
C MET D 65 5.32 2.73 -11.73
N GLY D 66 4.08 2.51 -11.32
CA GLY D 66 3.10 3.59 -11.37
C GLY D 66 2.58 3.89 -12.75
N ILE D 67 1.56 3.15 -13.15
CA ILE D 67 0.92 3.33 -14.44
C ILE D 67 -0.52 2.82 -14.23
#